data_1FG3
#
_entry.id   1FG3
#
_cell.length_a   132.484
_cell.length_b   62.435
_cell.length_c   45.530
_cell.angle_alpha   90.00
_cell.angle_beta   104.26
_cell.angle_gamma   90.00
#
_symmetry.space_group_name_H-M   'C 1 2 1'
#
loop_
_entity.id
_entity.type
_entity.pdbx_description
1 polymer 'HISTIDINOL PHOSPHATE AMINOTRANSFERASE'
2 non-polymer "PYRIDOXAL-5'-PHOSPHATE"
3 non-polymer 'PHOSPHORIC ACID MONO-[2-AMINO-3-(3H-IMIDAZOL-4-YL)-PROPYL]ESTER'
4 water water
#
_entity_poly.entity_id   1
_entity_poly.type   'polypeptide(L)'
_entity_poly.pdbx_seq_one_letter_code
;(MSE)STVTITDLARENVRNLTPYQSARRLGGNGDVWLNANEYPTAVEFQLTQQTLNRYPECQPKAVIENYAQYAGVKPE
QVLVSRGADEGIELLIRAFCEPGKDAILYCPPTYG(MSE)YSVSAETIGVECRTVPTLDNWQLDLQGISDKLDGVKVVYV
CSPNNPTGQLINPQDFRTLLELTRGKAIVVADEAYIEFCPQASLAGWLAEYPHLAILRTLSKAFALAGLRCGFTLANEEV
INLL(MSE)KVIAPYPLSTPVADIAAQALSPQGIVA(MSE)RERVAQIIAEREYLIAALKEIPCVEQVFDSETNYILARF
KASSAVFKSLWDQGIILRDQNKQPSLSGCLRITVGTREESQRVIDALRAEQV
;
_entity_poly.pdbx_strand_id   A
#
loop_
_chem_comp.id
_chem_comp.type
_chem_comp.name
_chem_comp.formula
HSA non-polymer 'PHOSPHORIC ACID MONO-[2-AMINO-3-(3H-IMIDAZOL-4-YL)-PROPYL]ESTER' 'C6 H12 N3 O4 P'
PLP non-polymer PYRIDOXAL-5'-PHOSPHATE 'C8 H10 N O6 P'
#
# COMPACT_ATOMS: atom_id res chain seq x y z
N THR A 3 9.12 19.76 -38.89
CA THR A 3 8.23 20.20 -37.77
C THR A 3 8.42 19.32 -36.54
N VAL A 4 8.36 19.94 -35.37
CA VAL A 4 8.51 19.27 -34.09
C VAL A 4 7.14 19.20 -33.40
N THR A 5 6.79 18.04 -32.88
CA THR A 5 5.51 17.90 -32.20
C THR A 5 5.73 18.08 -30.70
N ILE A 6 4.64 18.37 -29.99
CA ILE A 6 4.71 18.55 -28.55
C ILE A 6 5.28 17.29 -27.94
N THR A 7 4.87 16.14 -28.47
CA THR A 7 5.35 14.86 -27.97
C THR A 7 6.87 14.75 -28.03
N ASP A 8 7.48 15.39 -29.04
CA ASP A 8 8.94 15.35 -29.19
C ASP A 8 9.64 16.18 -28.10
N LEU A 9 8.91 17.11 -27.51
CA LEU A 9 9.47 17.95 -26.46
C LEU A 9 9.45 17.23 -25.12
N ALA A 10 8.56 16.24 -24.99
CA ALA A 10 8.45 15.49 -23.75
C ALA A 10 9.70 14.67 -23.49
N ARG A 11 9.91 14.31 -22.22
CA ARG A 11 11.05 13.50 -21.82
C ARG A 11 10.90 12.11 -22.43
N GLU A 12 12.02 11.48 -22.80
CA GLU A 12 11.97 10.15 -23.40
C GLU A 12 11.28 9.14 -22.49
N ASN A 13 11.69 9.10 -21.22
CA ASN A 13 11.09 8.16 -20.26
C ASN A 13 9.60 8.39 -20.13
N VAL A 14 9.18 9.65 -20.21
CA VAL A 14 7.77 9.99 -20.11
C VAL A 14 7.00 9.48 -21.31
N ARG A 15 7.61 9.55 -22.49
CA ARG A 15 6.95 9.06 -23.68
C ARG A 15 6.80 7.55 -23.69
N ASN A 16 7.79 6.84 -23.16
CA ASN A 16 7.76 5.38 -23.15
C ASN A 16 7.08 4.70 -21.96
N LEU A 17 6.96 5.38 -20.84
CA LEU A 17 6.35 4.75 -19.67
C LEU A 17 4.86 4.48 -19.82
N THR A 18 4.40 3.47 -19.08
CA THR A 18 3.00 3.09 -19.07
C THR A 18 2.47 3.50 -17.70
N PRO A 19 1.55 4.48 -17.67
CA PRO A 19 0.97 4.95 -16.41
C PRO A 19 0.33 3.83 -15.58
N TYR A 20 0.42 3.94 -14.26
CA TYR A 20 -0.13 2.96 -13.34
C TYR A 20 -1.51 2.43 -13.73
N GLN A 21 -1.69 1.12 -13.60
CA GLN A 21 -2.95 0.47 -13.93
C GLN A 21 -3.78 0.19 -12.70
N SER A 22 -4.48 1.22 -12.20
CA SER A 22 -5.31 1.04 -11.04
C SER A 22 -6.77 1.07 -11.47
N ALA A 23 -7.04 1.92 -12.45
CA ALA A 23 -8.38 2.06 -12.98
C ALA A 23 -8.81 0.72 -13.55
N ARG A 24 -10.11 0.45 -13.47
CA ARG A 24 -10.71 -0.77 -13.96
C ARG A 24 -12.16 -0.70 -13.52
N ARG A 25 -12.77 0.44 -13.81
CA ARG A 25 -14.15 0.69 -13.43
C ARG A 25 -15.17 0.12 -14.41
N LEU A 26 -16.44 0.25 -14.03
CA LEU A 26 -17.57 -0.21 -14.81
C LEU A 26 -18.79 0.36 -14.12
N GLY A 27 -18.78 1.68 -13.93
CA GLY A 27 -19.87 2.36 -13.27
C GLY A 27 -21.25 1.79 -13.55
N GLY A 28 -22.03 1.59 -12.49
CA GLY A 28 -23.37 1.06 -12.63
C GLY A 28 -23.45 -0.37 -13.13
N ASN A 29 -22.31 -0.94 -13.49
CA ASN A 29 -22.26 -2.32 -13.99
C ASN A 29 -21.95 -3.28 -12.85
N GLY A 30 -20.87 -3.00 -12.13
CA GLY A 30 -20.48 -3.84 -11.01
C GLY A 30 -21.20 -3.42 -9.75
N ASP A 31 -21.73 -4.39 -9.01
CA ASP A 31 -22.43 -4.10 -7.77
C ASP A 31 -21.53 -4.40 -6.57
N VAL A 32 -20.62 -5.36 -6.73
CA VAL A 32 -19.70 -5.76 -5.67
C VAL A 32 -18.25 -5.42 -5.99
N TRP A 33 -17.70 -4.45 -5.26
CA TRP A 33 -16.31 -4.03 -5.47
C TRP A 33 -15.35 -4.59 -4.42
N LEU A 34 -14.53 -5.54 -4.85
CA LEU A 34 -13.55 -6.18 -3.96
C LEU A 34 -12.23 -6.17 -4.74
N ASN A 35 -11.87 -5.01 -5.27
CA ASN A 35 -10.67 -4.89 -6.08
C ASN A 35 -9.67 -3.79 -5.72
N ALA A 36 -10.00 -2.94 -4.75
CA ALA A 36 -9.11 -1.84 -4.38
C ALA A 36 -8.66 -1.86 -2.93
N ASN A 37 -8.95 -2.94 -2.22
CA ASN A 37 -8.58 -3.07 -0.82
C ASN A 37 -9.14 -1.93 0.04
N GLU A 38 -10.37 -1.51 -0.27
CA GLU A 38 -11.04 -0.45 0.46
C GLU A 38 -11.97 -1.07 1.49
N TYR A 39 -12.22 -0.36 2.58
CA TYR A 39 -13.15 -0.87 3.58
C TYR A 39 -14.51 -0.86 2.85
N PRO A 40 -15.33 -1.91 3.02
CA PRO A 40 -16.63 -2.04 2.37
C PRO A 40 -17.73 -1.03 2.68
N THR A 41 -17.69 -0.40 3.85
CA THR A 41 -18.73 0.53 4.22
C THR A 41 -18.26 1.94 4.54
N ALA A 42 -19.04 2.92 4.09
CA ALA A 42 -18.72 4.33 4.32
C ALA A 42 -18.87 4.72 5.78
N VAL A 43 -17.98 5.58 6.25
CA VAL A 43 -18.01 6.12 7.60
C VAL A 43 -18.11 7.63 7.36
N GLU A 44 -19.16 8.24 7.87
CA GLU A 44 -19.39 9.66 7.65
C GLU A 44 -18.64 10.64 8.53
N PHE A 45 -18.24 11.75 7.90
CA PHE A 45 -17.52 12.84 8.57
C PHE A 45 -17.94 14.16 7.91
N GLN A 46 -18.25 15.14 8.74
CA GLN A 46 -18.64 16.46 8.28
C GLN A 46 -17.52 17.44 8.60
N LEU A 47 -17.45 18.54 7.87
CA LEU A 47 -16.42 19.55 8.11
C LEU A 47 -16.74 20.33 9.38
N THR A 48 -15.70 20.77 10.08
CA THR A 48 -15.87 21.55 11.30
C THR A 48 -15.14 22.89 11.24
N GLN A 49 -14.23 23.02 10.28
CA GLN A 49 -13.46 24.25 10.12
C GLN A 49 -13.81 25.00 8.83
N GLN A 50 -14.59 26.07 8.98
CA GLN A 50 -15.00 26.87 7.83
C GLN A 50 -14.04 28.03 7.59
N THR A 51 -12.79 27.69 7.30
CA THR A 51 -11.74 28.67 7.07
C THR A 51 -11.12 28.48 5.69
N LEU A 52 -11.89 27.93 4.76
CA LEU A 52 -11.39 27.63 3.42
C LEU A 52 -10.74 28.76 2.63
N ASN A 53 -10.97 30.00 3.04
CA ASN A 53 -10.37 31.13 2.32
C ASN A 53 -8.88 31.30 2.65
N ARG A 54 -8.43 30.68 3.73
CA ARG A 54 -7.03 30.76 4.15
C ARG A 54 -6.25 29.47 3.85
N TYR A 55 -4.98 29.62 3.54
CA TYR A 55 -4.14 28.46 3.27
C TYR A 55 -4.00 27.65 4.55
N PRO A 56 -3.85 26.32 4.43
CA PRO A 56 -3.70 25.48 5.62
C PRO A 56 -2.25 25.47 6.08
N GLU A 57 -1.97 24.74 7.16
CA GLU A 57 -0.61 24.61 7.68
C GLU A 57 0.06 23.59 6.75
N CYS A 58 1.37 23.70 6.55
CA CYS A 58 2.07 22.74 5.70
C CYS A 58 1.89 21.34 6.28
N GLN A 59 2.00 21.23 7.60
CA GLN A 59 1.82 19.97 8.30
C GLN A 59 0.85 20.22 9.46
N PRO A 60 -0.47 20.04 9.22
CA PRO A 60 -1.46 20.27 10.27
C PRO A 60 -1.05 19.64 11.59
N LYS A 61 -0.94 20.46 12.61
CA LYS A 61 -0.53 20.03 13.93
C LYS A 61 -1.45 18.96 14.53
N ALA A 62 -2.75 19.20 14.51
CA ALA A 62 -3.71 18.25 15.06
C ALA A 62 -3.52 16.85 14.45
N VAL A 63 -3.40 16.81 13.13
CA VAL A 63 -3.22 15.54 12.42
C VAL A 63 -1.92 14.83 12.83
N ILE A 64 -0.81 15.56 12.83
CA ILE A 64 0.49 14.99 13.20
C ILE A 64 0.52 14.45 14.63
N GLU A 65 -0.03 15.21 15.57
CA GLU A 65 -0.03 14.79 16.96
C GLU A 65 -0.95 13.61 17.21
N ASN A 66 -2.15 13.64 16.62
CA ASN A 66 -3.11 12.56 16.78
C ASN A 66 -2.54 11.28 16.19
N TYR A 67 -1.86 11.37 15.06
CA TYR A 67 -1.30 10.17 14.45
C TYR A 67 -0.11 9.66 15.26
N ALA A 68 0.74 10.59 15.70
CA ALA A 68 1.91 10.23 16.49
C ALA A 68 1.47 9.53 17.78
N GLN A 69 0.37 10.01 18.36
CA GLN A 69 -0.15 9.41 19.60
C GLN A 69 -0.58 7.98 19.30
N TYR A 70 -1.32 7.82 18.21
CA TYR A 70 -1.81 6.52 17.77
C TYR A 70 -0.68 5.54 17.44
N ALA A 71 0.28 6.01 16.65
CA ALA A 71 1.41 5.18 16.21
C ALA A 71 2.45 4.91 17.28
N GLY A 72 2.38 5.64 18.38
CA GLY A 72 3.33 5.44 19.45
C GLY A 72 4.71 6.03 19.19
N VAL A 73 4.77 7.05 18.34
CA VAL A 73 6.05 7.70 18.04
C VAL A 73 5.96 9.19 18.34
N LYS A 74 7.11 9.86 18.29
CA LYS A 74 7.18 11.29 18.56
C LYS A 74 6.65 12.08 17.36
N PRO A 75 5.98 13.22 17.61
CA PRO A 75 5.45 14.03 16.51
C PRO A 75 6.51 14.45 15.51
N GLU A 76 7.75 14.63 15.97
CA GLU A 76 8.83 15.03 15.07
C GLU A 76 9.28 13.87 14.18
N GLN A 77 8.73 12.68 14.41
CA GLN A 77 9.07 11.52 13.60
C GLN A 77 7.94 11.21 12.62
N VAL A 78 7.04 12.17 12.42
CA VAL A 78 5.91 11.98 11.53
C VAL A 78 5.75 13.06 10.46
N LEU A 79 5.43 12.61 9.24
CA LEU A 79 5.21 13.50 8.12
C LEU A 79 3.88 13.06 7.51
N VAL A 80 3.03 14.02 7.15
CA VAL A 80 1.74 13.70 6.56
C VAL A 80 1.72 14.17 5.11
N SER A 81 1.24 13.32 4.22
CA SER A 81 1.20 13.62 2.79
C SER A 81 -0.09 13.14 2.12
N ARG A 82 -0.16 13.30 0.80
CA ARG A 82 -1.33 12.86 0.04
C ARG A 82 -1.19 11.36 -0.18
N GLY A 83 -1.61 10.60 0.83
CA GLY A 83 -1.52 9.15 0.75
C GLY A 83 -0.11 8.62 0.86
N ALA A 84 0.05 7.32 0.99
CA ALA A 84 1.37 6.72 1.09
C ALA A 84 2.03 6.80 -0.28
N ASP A 85 1.24 7.07 -1.31
CA ASP A 85 1.79 7.18 -2.66
C ASP A 85 2.79 8.34 -2.70
N GLU A 86 2.41 9.47 -2.12
CA GLU A 86 3.30 10.62 -2.09
C GLU A 86 4.52 10.33 -1.24
N GLY A 87 4.33 9.58 -0.17
CA GLY A 87 5.44 9.21 0.68
C GLY A 87 6.48 8.48 -0.15
N ILE A 88 6.01 7.62 -1.06
CA ILE A 88 6.88 6.85 -1.94
C ILE A 88 7.68 7.81 -2.83
N GLU A 89 6.99 8.80 -3.39
CA GLU A 89 7.61 9.79 -4.25
C GLU A 89 8.67 10.60 -3.50
N LEU A 90 8.29 11.13 -2.34
CA LEU A 90 9.18 11.93 -1.51
C LEU A 90 10.52 11.27 -1.20
N LEU A 91 10.48 9.99 -0.85
CA LEU A 91 11.70 9.27 -0.52
C LEU A 91 12.65 9.20 -1.72
N ILE A 92 12.11 9.00 -2.92
CA ILE A 92 12.91 8.94 -4.13
C ILE A 92 13.41 10.34 -4.51
N ARG A 93 12.51 11.31 -4.36
CA ARG A 93 12.78 12.70 -4.67
C ARG A 93 13.90 13.28 -3.80
N ALA A 94 14.04 12.77 -2.59
CA ALA A 94 15.07 13.26 -1.67
C ALA A 94 16.38 12.49 -1.64
N PHE A 95 16.35 11.20 -1.94
CA PHE A 95 17.58 10.42 -1.87
C PHE A 95 18.13 9.87 -3.17
N CYS A 96 17.34 9.86 -4.23
CA CYS A 96 17.80 9.31 -5.50
C CYS A 96 18.12 10.32 -6.59
N GLU A 97 19.39 10.36 -6.97
CA GLU A 97 19.84 11.26 -8.03
C GLU A 97 19.45 10.64 -9.37
N PRO A 98 18.57 11.32 -10.12
CA PRO A 98 18.13 10.81 -11.43
C PRO A 98 19.30 10.43 -12.34
N GLY A 99 19.22 9.25 -12.93
CA GLY A 99 20.25 8.77 -13.83
C GLY A 99 21.51 8.29 -13.14
N LYS A 100 21.54 8.40 -11.82
CA LYS A 100 22.71 7.96 -11.06
C LYS A 100 22.34 6.89 -10.04
N ASP A 101 21.45 7.23 -9.12
CA ASP A 101 21.02 6.30 -8.08
C ASP A 101 19.85 5.44 -8.51
N ALA A 102 19.56 4.42 -7.70
CA ALA A 102 18.47 3.50 -8.01
C ALA A 102 17.69 3.08 -6.77
N ILE A 103 16.52 2.52 -7.00
CA ILE A 103 15.70 2.02 -5.90
C ILE A 103 15.70 0.50 -6.10
N LEU A 104 15.24 -0.23 -5.10
CA LEU A 104 15.19 -1.68 -5.20
C LEU A 104 13.93 -2.20 -4.53
N TYR A 105 13.21 -3.08 -5.23
CA TYR A 105 12.01 -3.69 -4.69
C TYR A 105 12.00 -5.15 -5.12
N CYS A 106 11.18 -5.95 -4.43
CA CYS A 106 11.12 -7.37 -4.69
C CYS A 106 9.77 -7.91 -5.15
N PRO A 107 9.58 -8.04 -6.47
CA PRO A 107 8.35 -8.54 -7.08
C PRO A 107 7.98 -9.96 -6.65
N PRO A 108 6.68 -10.28 -6.60
CA PRO A 108 5.54 -9.42 -6.92
C PRO A 108 5.11 -8.57 -5.71
N THR A 109 4.98 -7.26 -5.93
CA THR A 109 4.59 -6.35 -4.85
C THR A 109 3.85 -5.13 -5.40
N TYR A 110 3.64 -4.13 -4.55
CA TYR A 110 2.92 -2.91 -4.94
C TYR A 110 3.58 -2.23 -6.15
N GLY A 111 2.76 -1.89 -7.14
CA GLY A 111 3.30 -1.28 -8.36
C GLY A 111 3.77 0.16 -8.37
N MSE A 112 3.41 0.94 -7.37
CA MSE A 112 3.82 2.34 -7.40
C MSE A 112 5.31 2.63 -7.16
O MSE A 112 5.80 3.69 -7.58
CB MSE A 112 2.95 3.17 -6.45
CG MSE A 112 1.51 3.32 -6.94
SE MSE A 112 1.34 3.92 -8.67
CE MSE A 112 2.02 5.60 -8.49
N TYR A 113 6.03 1.72 -6.50
CA TYR A 113 7.45 1.94 -6.25
C TYR A 113 8.13 2.16 -7.61
N SER A 114 7.87 1.23 -8.52
CA SER A 114 8.40 1.25 -9.86
C SER A 114 7.87 2.44 -10.69
N VAL A 115 6.56 2.68 -10.61
CA VAL A 115 5.94 3.77 -11.35
C VAL A 115 6.59 5.12 -11.01
N SER A 116 6.70 5.41 -9.71
CA SER A 116 7.29 6.68 -9.28
C SER A 116 8.73 6.82 -9.75
N ALA A 117 9.54 5.77 -9.53
CA ALA A 117 10.94 5.79 -9.94
C ALA A 117 11.07 6.01 -11.44
N GLU A 118 10.33 5.23 -12.21
CA GLU A 118 10.37 5.34 -13.66
C GLU A 118 9.93 6.72 -14.15
N THR A 119 8.90 7.27 -13.52
CA THR A 119 8.41 8.57 -13.93
C THR A 119 9.44 9.64 -13.58
N ILE A 120 9.98 9.57 -12.36
CA ILE A 120 11.00 10.53 -11.90
C ILE A 120 12.28 10.42 -12.74
N GLY A 121 12.61 9.19 -13.14
CA GLY A 121 13.81 8.96 -13.95
C GLY A 121 14.88 8.22 -13.17
N VAL A 122 14.47 7.39 -12.22
CA VAL A 122 15.41 6.64 -11.42
C VAL A 122 15.36 5.14 -11.75
N GLU A 123 16.54 4.53 -11.80
CA GLU A 123 16.67 3.11 -12.11
C GLU A 123 15.92 2.23 -11.10
N CYS A 124 15.28 1.19 -11.62
CA CYS A 124 14.54 0.24 -10.79
C CYS A 124 15.32 -1.05 -10.74
N ARG A 125 15.79 -1.42 -9.56
CA ARG A 125 16.51 -2.68 -9.42
C ARG A 125 15.56 -3.67 -8.76
N THR A 126 15.45 -4.87 -9.31
CA THR A 126 14.56 -5.84 -8.74
C THR A 126 15.21 -7.15 -8.33
N VAL A 127 14.74 -7.66 -7.20
CA VAL A 127 15.20 -8.93 -6.66
C VAL A 127 13.93 -9.62 -6.19
N PRO A 128 13.34 -10.45 -7.05
CA PRO A 128 12.11 -11.19 -6.72
C PRO A 128 12.22 -11.90 -5.37
N THR A 129 11.10 -11.99 -4.67
CA THR A 129 11.07 -12.66 -3.39
C THR A 129 11.17 -14.16 -3.67
N LEU A 130 11.34 -14.96 -2.62
CA LEU A 130 11.46 -16.40 -2.76
C LEU A 130 10.09 -17.01 -3.06
N ASP A 131 10.06 -18.33 -3.18
CA ASP A 131 8.80 -19.02 -3.48
C ASP A 131 7.70 -18.71 -2.48
N ASN A 132 8.07 -18.58 -1.21
CA ASN A 132 7.07 -18.26 -0.19
C ASN A 132 6.93 -16.74 -0.04
N TRP A 133 7.53 -16.03 -0.99
CA TRP A 133 7.50 -14.58 -1.06
C TRP A 133 8.28 -13.84 0.03
N GLN A 134 9.16 -14.58 0.70
CA GLN A 134 10.00 -13.97 1.72
C GLN A 134 11.19 -13.39 0.98
N LEU A 135 11.91 -12.47 1.60
CA LEU A 135 13.05 -11.82 0.96
C LEU A 135 14.21 -12.71 0.56
N ASP A 136 14.73 -12.49 -0.64
CA ASP A 136 15.88 -13.23 -1.12
C ASP A 136 17.05 -12.36 -0.66
N LEU A 137 17.44 -12.53 0.60
CA LEU A 137 18.53 -11.74 1.19
C LEU A 137 19.85 -11.79 0.44
N GLN A 138 20.30 -12.98 0.09
CA GLN A 138 21.57 -13.12 -0.63
C GLN A 138 21.52 -12.35 -1.94
N GLY A 139 20.39 -12.45 -2.65
CA GLY A 139 20.24 -11.75 -3.91
C GLY A 139 20.32 -10.24 -3.74
N ILE A 140 19.71 -9.73 -2.67
CA ILE A 140 19.69 -8.31 -2.39
C ILE A 140 21.11 -7.80 -2.07
N SER A 141 21.82 -8.55 -1.22
CA SER A 141 23.18 -8.17 -0.85
C SER A 141 24.06 -7.97 -2.07
N ASP A 142 23.81 -8.73 -3.13
CA ASP A 142 24.60 -8.63 -4.35
C ASP A 142 24.15 -7.57 -5.37
N LYS A 143 23.07 -6.86 -5.10
CA LYS A 143 22.59 -5.83 -6.03
C LYS A 143 22.35 -4.47 -5.38
N LEU A 144 23.04 -4.20 -4.28
CA LEU A 144 22.86 -2.93 -3.58
C LEU A 144 23.67 -1.73 -4.12
N ASP A 145 24.57 -1.98 -5.07
CA ASP A 145 25.39 -0.90 -5.62
C ASP A 145 24.62 0.18 -6.36
N GLY A 146 24.69 1.41 -5.87
CA GLY A 146 23.98 2.49 -6.53
C GLY A 146 22.55 2.62 -6.06
N VAL A 147 22.13 1.73 -5.15
CA VAL A 147 20.78 1.76 -4.61
C VAL A 147 20.77 2.73 -3.44
N LYS A 148 19.73 3.57 -3.38
CA LYS A 148 19.60 4.56 -2.32
C LYS A 148 18.36 4.34 -1.49
N VAL A 149 17.35 3.68 -2.09
CA VAL A 149 16.11 3.43 -1.38
C VAL A 149 15.58 2.03 -1.65
N VAL A 150 15.27 1.30 -0.57
CA VAL A 150 14.72 -0.04 -0.70
C VAL A 150 13.29 -0.09 -0.17
N TYR A 151 12.37 -0.53 -1.03
CA TYR A 151 10.98 -0.64 -0.60
C TYR A 151 10.63 -2.11 -0.34
N VAL A 152 10.03 -2.38 0.80
CA VAL A 152 9.60 -3.72 1.18
C VAL A 152 8.23 -3.57 1.82
N CYS A 153 7.20 -4.14 1.18
CA CYS A 153 5.83 -4.09 1.68
C CYS A 153 5.58 -5.25 2.63
N SER A 154 5.15 -4.93 3.85
CA SER A 154 4.89 -5.95 4.85
C SER A 154 3.81 -5.52 5.85
N PRO A 155 2.67 -6.23 5.88
CA PRO A 155 2.39 -7.38 5.01
C PRO A 155 2.39 -7.00 3.54
N ASN A 156 2.81 -7.92 2.68
CA ASN A 156 2.88 -7.64 1.25
C ASN A 156 1.59 -7.67 0.45
N ASN A 157 1.54 -6.78 -0.54
CA ASN A 157 0.44 -6.67 -1.47
C ASN A 157 1.06 -7.13 -2.80
N PRO A 158 0.41 -8.04 -3.54
CA PRO A 158 -0.88 -8.71 -3.31
C PRO A 158 -0.86 -10.07 -2.63
N THR A 159 0.30 -10.57 -2.23
CA THR A 159 0.40 -11.89 -1.60
C THR A 159 -0.21 -12.05 -0.19
N GLY A 160 -0.16 -10.98 0.61
CA GLY A 160 -0.77 -11.03 1.94
C GLY A 160 0.03 -11.43 3.18
N GLN A 161 1.21 -12.00 3.00
CA GLN A 161 2.00 -12.43 4.16
C GLN A 161 2.95 -11.36 4.71
N LEU A 162 3.40 -11.60 5.94
CA LEU A 162 4.35 -10.72 6.60
C LEU A 162 5.75 -11.17 6.28
N ILE A 163 6.68 -10.23 6.25
CA ILE A 163 8.08 -10.55 6.00
C ILE A 163 8.68 -10.92 7.35
N ASN A 164 9.45 -12.00 7.40
CA ASN A 164 10.07 -12.41 8.66
C ASN A 164 10.82 -11.21 9.23
N PRO A 165 10.48 -10.79 10.46
CA PRO A 165 11.22 -9.65 11.00
C PRO A 165 12.72 -9.92 11.05
N GLN A 166 13.09 -11.17 11.30
CA GLN A 166 14.49 -11.54 11.37
C GLN A 166 15.22 -11.16 10.08
N ASP A 167 14.53 -11.24 8.95
CA ASP A 167 15.14 -10.90 7.68
C ASP A 167 15.18 -9.39 7.49
N PHE A 168 14.26 -8.69 8.15
CA PHE A 168 14.25 -7.24 8.09
C PHE A 168 15.50 -6.77 8.84
N ARG A 169 15.87 -7.49 9.89
CA ARG A 169 17.07 -7.16 10.66
C ARG A 169 18.25 -7.24 9.69
N THR A 170 18.35 -8.36 8.99
CA THR A 170 19.44 -8.56 8.05
C THR A 170 19.47 -7.45 6.99
N LEU A 171 18.34 -7.21 6.33
CA LEU A 171 18.25 -6.17 5.31
C LEU A 171 18.69 -4.81 5.85
N LEU A 172 18.25 -4.46 7.05
CA LEU A 172 18.64 -3.18 7.64
C LEU A 172 20.14 -3.12 7.91
N GLU A 173 20.75 -4.27 8.16
CA GLU A 173 22.18 -4.29 8.41
C GLU A 173 22.94 -4.14 7.09
N LEU A 174 22.40 -4.73 6.03
CA LEU A 174 23.01 -4.65 4.71
C LEU A 174 22.98 -3.23 4.13
N THR A 175 21.98 -2.46 4.54
CA THR A 175 21.81 -1.10 4.03
C THR A 175 22.37 0.00 4.92
N ARG A 176 22.81 -0.38 6.12
CA ARG A 176 23.35 0.59 7.07
C ARG A 176 24.42 1.46 6.39
N GLY A 177 24.19 2.77 6.39
CA GLY A 177 25.14 3.68 5.78
C GLY A 177 25.19 3.62 4.26
N LYS A 178 24.23 2.95 3.64
CA LYS A 178 24.21 2.84 2.19
C LYS A 178 22.87 3.20 1.56
N ALA A 179 21.78 2.80 2.21
CA ALA A 179 20.47 3.10 1.66
C ALA A 179 19.39 3.14 2.72
N ILE A 180 18.28 3.81 2.38
CA ILE A 180 17.13 3.94 3.26
C ILE A 180 16.24 2.73 3.03
N VAL A 181 15.78 2.11 4.10
CA VAL A 181 14.88 0.96 3.97
C VAL A 181 13.50 1.47 4.31
N VAL A 182 12.56 1.29 3.39
CA VAL A 182 11.20 1.76 3.60
C VAL A 182 10.24 0.59 3.75
N ALA A 183 9.67 0.43 4.92
CA ALA A 183 8.71 -0.63 5.15
C ALA A 183 7.35 -0.02 4.85
N ASP A 184 6.66 -0.56 3.84
CA ASP A 184 5.34 -0.07 3.48
C ASP A 184 4.36 -0.83 4.36
N GLU A 185 3.76 -0.12 5.32
CA GLU A 185 2.82 -0.75 6.24
C GLU A 185 1.40 -0.29 5.99
N ALA A 186 1.02 -0.22 4.73
CA ALA A 186 -0.32 0.22 4.34
C ALA A 186 -1.39 -0.69 4.94
N TYR A 187 -0.99 -1.89 5.34
CA TYR A 187 -1.94 -2.84 5.89
C TYR A 187 -1.58 -3.35 7.27
N ILE A 188 -0.70 -2.63 7.96
CA ILE A 188 -0.23 -3.02 9.28
C ILE A 188 -1.32 -2.98 10.35
N GLU A 189 -2.35 -2.16 10.13
CA GLU A 189 -3.44 -2.08 11.10
C GLU A 189 -4.05 -3.46 11.35
N PHE A 190 -4.03 -4.33 10.34
CA PHE A 190 -4.60 -5.66 10.49
C PHE A 190 -3.70 -6.62 11.26
N CYS A 191 -2.48 -6.18 11.54
CA CYS A 191 -1.51 -6.97 12.29
C CYS A 191 -0.54 -5.99 12.94
N PRO A 192 -1.07 -5.08 13.76
CA PRO A 192 -0.30 -4.04 14.47
C PRO A 192 0.94 -4.49 15.22
N GLN A 193 0.89 -5.67 15.82
CA GLN A 193 2.03 -6.18 16.58
C GLN A 193 3.25 -6.48 15.71
N ALA A 194 3.06 -6.54 14.39
CA ALA A 194 4.15 -6.84 13.48
C ALA A 194 4.78 -5.58 12.87
N SER A 195 4.38 -4.42 13.36
CA SER A 195 4.91 -3.15 12.87
C SER A 195 6.36 -2.95 13.30
N LEU A 196 7.11 -2.20 12.49
CA LEU A 196 8.51 -1.91 12.79
C LEU A 196 8.66 -0.50 13.37
N ALA A 197 7.53 0.14 13.67
CA ALA A 197 7.55 1.50 14.21
C ALA A 197 8.45 1.63 15.43
N GLY A 198 8.51 0.59 16.25
CA GLY A 198 9.34 0.66 17.45
C GLY A 198 10.82 0.48 17.19
N TRP A 199 11.20 0.26 15.93
CA TRP A 199 12.60 0.05 15.57
C TRP A 199 13.39 1.32 15.26
N LEU A 200 12.69 2.46 15.15
CA LEU A 200 13.34 3.72 14.81
C LEU A 200 14.64 4.05 15.57
N ALA A 201 14.64 3.86 16.89
CA ALA A 201 15.82 4.15 17.69
C ALA A 201 17.04 3.32 17.30
N GLU A 202 16.82 2.14 16.73
CA GLU A 202 17.93 1.28 16.35
C GLU A 202 18.43 1.52 14.92
N TYR A 203 17.54 1.98 14.05
CA TYR A 203 17.91 2.18 12.65
C TYR A 203 17.67 3.58 12.13
N PRO A 204 18.76 4.35 11.91
CA PRO A 204 18.68 5.72 11.41
C PRO A 204 18.17 5.80 9.97
N HIS A 205 18.27 4.70 9.23
CA HIS A 205 17.85 4.67 7.83
C HIS A 205 16.52 3.96 7.59
N LEU A 206 15.71 3.83 8.63
CA LEU A 206 14.42 3.18 8.52
C LEU A 206 13.26 4.17 8.43
N ALA A 207 12.45 4.02 7.39
CA ALA A 207 11.27 4.85 7.17
C ALA A 207 10.07 3.91 7.06
N ILE A 208 8.90 4.38 7.47
CA ILE A 208 7.69 3.57 7.44
C ILE A 208 6.51 4.29 6.82
N LEU A 209 5.89 3.65 5.83
CA LEU A 209 4.74 4.23 5.15
C LEU A 209 3.45 3.76 5.82
N ARG A 210 2.54 4.70 6.05
CA ARG A 210 1.25 4.42 6.67
C ARG A 210 0.17 5.12 5.85
N THR A 211 -1.08 4.72 6.04
CA THR A 211 -2.20 5.30 5.30
C THR A 211 -3.53 5.21 6.04
N LEU A 212 -4.46 6.08 5.68
CA LEU A 212 -5.80 6.06 6.26
C LEU A 212 -6.76 5.47 5.24
N SER A 213 -6.24 5.07 4.08
CA SER A 213 -7.06 4.52 3.01
C SER A 213 -7.74 3.18 3.27
N LYS A 214 -6.99 2.21 3.73
CA LYS A 214 -7.29 0.82 4.12
C LYS A 214 -8.15 0.64 5.38
N ALA A 215 -7.53 0.18 6.47
CA ALA A 215 -8.23 -0.05 7.73
C ALA A 215 -9.06 1.15 8.18
N PHE A 216 -8.52 2.36 8.06
CA PHE A 216 -9.27 3.53 8.51
C PHE A 216 -10.48 3.86 7.64
N ALA A 217 -10.61 3.19 6.49
CA ALA A 217 -11.75 3.41 5.60
C ALA A 217 -11.91 4.86 5.15
N LEU A 218 -10.81 5.51 4.79
CA LEU A 218 -10.86 6.90 4.36
C LEU A 218 -9.99 7.15 3.13
N ALA A 219 -10.00 6.19 2.20
CA ALA A 219 -9.22 6.30 0.98
C ALA A 219 -9.60 7.58 0.25
N GLY A 220 -10.84 8.00 0.43
CA GLY A 220 -11.33 9.21 -0.20
C GLY A 220 -10.61 10.47 0.24
N LEU A 221 -9.92 10.41 1.38
CA LEU A 221 -9.21 11.59 1.88
C LEU A 221 -7.83 11.77 1.27
N ARG A 222 -7.26 10.70 0.71
CA ARG A 222 -5.93 10.76 0.14
C ARG A 222 -4.99 11.26 1.22
N CYS A 223 -5.00 10.61 2.37
CA CYS A 223 -4.16 11.01 3.49
C CYS A 223 -3.28 9.87 4.00
N GLY A 224 -1.96 10.09 3.95
CA GLY A 224 -1.02 9.08 4.41
C GLY A 224 0.09 9.67 5.27
N PHE A 225 0.96 8.81 5.79
CA PHE A 225 2.06 9.28 6.63
C PHE A 225 3.36 8.51 6.40
N THR A 226 4.46 9.11 6.82
CA THR A 226 5.77 8.49 6.74
C THR A 226 6.31 8.60 8.16
N LEU A 227 6.79 7.50 8.71
CA LEU A 227 7.33 7.53 10.06
C LEU A 227 8.82 7.31 9.91
N ALA A 228 9.61 8.17 10.53
CA ALA A 228 11.06 8.06 10.46
C ALA A 228 11.72 8.92 11.52
N ASN A 229 13.02 8.78 11.67
CA ASN A 229 13.76 9.58 12.62
C ASN A 229 13.79 11.03 12.12
N GLU A 230 13.97 11.97 13.04
CA GLU A 230 14.00 13.40 12.70
C GLU A 230 14.80 13.74 11.45
N GLU A 231 16.03 13.26 11.41
CA GLU A 231 16.93 13.51 10.28
C GLU A 231 16.23 13.27 8.94
N VAL A 232 15.69 12.07 8.79
CA VAL A 232 14.98 11.69 7.59
C VAL A 232 13.77 12.57 7.31
N ILE A 233 12.89 12.70 8.30
CA ILE A 233 11.69 13.52 8.16
C ILE A 233 12.04 14.95 7.74
N ASN A 234 13.03 15.54 8.40
CA ASN A 234 13.44 16.90 8.07
C ASN A 234 13.91 17.01 6.62
N LEU A 235 14.57 15.96 6.13
CA LEU A 235 15.06 15.94 4.76
C LEU A 235 13.90 15.86 3.78
N LEU A 236 12.90 15.04 4.11
CA LEU A 236 11.73 14.90 3.23
C LEU A 236 10.95 16.21 3.21
N MSE A 237 10.90 16.88 4.34
CA MSE A 237 10.17 18.15 4.42
C MSE A 237 10.79 19.18 3.49
O MSE A 237 10.14 20.15 3.12
CB MSE A 237 10.16 18.68 5.86
CG MSE A 237 9.14 18.02 6.79
SE MSE A 237 7.42 18.04 6.16
CE MSE A 237 7.09 19.81 6.18
N LYS A 238 12.04 18.96 3.09
CA LYS A 238 12.70 19.91 2.20
C LYS A 238 12.29 19.71 0.74
N VAL A 239 11.68 18.57 0.43
CA VAL A 239 11.27 18.28 -0.93
C VAL A 239 9.76 18.20 -1.15
N ILE A 240 8.98 18.36 -0.07
CA ILE A 240 7.53 18.28 -0.16
C ILE A 240 6.91 19.59 -0.63
N ALA A 241 5.76 19.50 -1.31
CA ALA A 241 5.07 20.70 -1.77
C ALA A 241 4.69 21.51 -0.53
N PRO A 242 4.74 22.85 -0.63
CA PRO A 242 4.41 23.74 0.49
C PRO A 242 3.09 23.48 1.22
N TYR A 243 2.03 23.12 0.50
CA TYR A 243 0.75 22.84 1.15
C TYR A 243 0.15 21.56 0.57
N PRO A 244 0.67 20.41 1.01
CA PRO A 244 0.27 19.06 0.60
C PRO A 244 -1.08 18.57 1.09
N LEU A 245 -1.58 19.13 2.19
CA LEU A 245 -2.87 18.68 2.72
C LEU A 245 -3.92 19.79 2.78
N SER A 246 -5.09 19.53 2.21
CA SER A 246 -6.16 20.51 2.23
C SER A 246 -6.78 20.61 3.62
N THR A 247 -7.46 21.72 3.90
CA THR A 247 -8.08 21.89 5.20
C THR A 247 -9.17 20.86 5.46
N PRO A 248 -10.10 20.66 4.51
CA PRO A 248 -11.14 19.66 4.77
C PRO A 248 -10.58 18.28 5.11
N VAL A 249 -9.47 17.91 4.47
CA VAL A 249 -8.85 16.61 4.74
C VAL A 249 -8.17 16.58 6.11
N ALA A 250 -7.46 17.66 6.45
CA ALA A 250 -6.79 17.71 7.74
C ALA A 250 -7.85 17.67 8.84
N ASP A 251 -8.96 18.36 8.58
CA ASP A 251 -10.09 18.47 9.49
C ASP A 251 -10.67 17.09 9.86
N ILE A 252 -11.17 16.37 8.87
CA ILE A 252 -11.76 15.06 9.11
C ILE A 252 -10.74 13.97 9.48
N ALA A 253 -9.50 14.13 9.02
CA ALA A 253 -8.45 13.16 9.35
C ALA A 253 -8.14 13.22 10.83
N ALA A 254 -8.13 14.44 11.37
CA ALA A 254 -7.85 14.64 12.78
C ALA A 254 -8.98 14.05 13.62
N GLN A 255 -10.20 14.13 13.10
CA GLN A 255 -11.36 13.57 13.81
C GLN A 255 -11.21 12.06 13.80
N ALA A 256 -10.84 11.51 12.65
CA ALA A 256 -10.67 10.08 12.48
C ALA A 256 -9.56 9.51 13.38
N LEU A 257 -8.65 10.37 13.81
CA LEU A 257 -7.54 9.92 14.65
C LEU A 257 -7.74 10.21 16.14
N SER A 258 -8.91 10.71 16.50
CA SER A 258 -9.20 10.97 17.91
C SER A 258 -9.25 9.61 18.62
N PRO A 259 -9.29 9.61 19.95
CA PRO A 259 -9.34 8.34 20.68
C PRO A 259 -10.52 7.46 20.24
N GLN A 260 -11.68 8.07 20.07
CA GLN A 260 -12.87 7.34 19.66
C GLN A 260 -12.72 6.86 18.22
N GLY A 261 -11.99 7.62 17.43
CA GLY A 261 -11.77 7.25 16.04
C GLY A 261 -10.92 5.99 15.98
N ILE A 262 -9.91 5.93 16.84
CA ILE A 262 -9.03 4.76 16.88
C ILE A 262 -9.81 3.54 17.34
N VAL A 263 -10.76 3.73 18.27
CA VAL A 263 -11.58 2.62 18.75
C VAL A 263 -12.41 2.08 17.59
N ALA A 264 -13.00 2.98 16.81
CA ALA A 264 -13.82 2.60 15.67
C ALA A 264 -12.96 1.86 14.65
N MSE A 265 -11.78 2.39 14.35
CA MSE A 265 -10.88 1.76 13.39
C MSE A 265 -10.61 0.32 13.80
O MSE A 265 -10.73 -0.59 13.00
CB MSE A 265 -9.54 2.51 13.31
CG MSE A 265 -8.50 1.87 12.37
SE MSE A 265 -7.52 0.49 13.07
CE MSE A 265 -6.32 1.41 14.09
N ARG A 266 -10.27 0.13 15.07
CA ARG A 266 -9.98 -1.21 15.57
C ARG A 266 -11.15 -2.18 15.47
N GLU A 267 -12.36 -1.65 15.57
CA GLU A 267 -13.55 -2.50 15.45
C GLU A 267 -13.74 -2.87 13.98
N ARG A 268 -13.31 -1.99 13.09
CA ARG A 268 -13.42 -2.26 11.66
C ARG A 268 -12.45 -3.38 11.32
N VAL A 269 -11.28 -3.35 11.95
CA VAL A 269 -10.24 -4.36 11.74
C VAL A 269 -10.73 -5.73 12.21
N ALA A 270 -11.25 -5.79 13.43
CA ALA A 270 -11.75 -7.04 13.99
C ALA A 270 -12.79 -7.60 13.06
N GLN A 271 -13.65 -6.71 12.57
CA GLN A 271 -14.70 -7.07 11.64
C GLN A 271 -14.12 -7.74 10.40
N ILE A 272 -13.19 -7.06 9.77
CA ILE A 272 -12.55 -7.56 8.54
C ILE A 272 -11.80 -8.87 8.75
N ILE A 273 -11.10 -8.99 9.87
CA ILE A 273 -10.35 -10.21 10.17
C ILE A 273 -11.30 -11.41 10.31
N ALA A 274 -12.41 -11.20 11.04
CA ALA A 274 -13.40 -12.25 11.26
C ALA A 274 -14.01 -12.68 9.93
N GLU A 275 -14.29 -11.69 9.08
CA GLU A 275 -14.87 -11.92 7.76
C GLU A 275 -13.87 -12.60 6.83
N ARG A 276 -12.60 -12.23 6.96
CA ARG A 276 -11.54 -12.80 6.14
C ARG A 276 -11.42 -14.30 6.41
N GLU A 277 -11.36 -14.66 7.68
CA GLU A 277 -11.23 -16.05 8.07
C GLU A 277 -12.40 -16.90 7.58
N TYR A 278 -13.55 -16.26 7.36
CA TYR A 278 -14.71 -16.97 6.85
C TYR A 278 -14.48 -17.26 5.38
N LEU A 279 -14.21 -16.20 4.62
CA LEU A 279 -13.96 -16.31 3.20
C LEU A 279 -12.83 -17.31 2.90
N ILE A 280 -11.75 -17.24 3.69
CA ILE A 280 -10.63 -18.15 3.51
C ILE A 280 -11.07 -19.61 3.68
N ALA A 281 -11.80 -19.89 4.75
CA ALA A 281 -12.28 -21.25 5.00
C ALA A 281 -13.17 -21.75 3.85
N ALA A 282 -14.11 -20.90 3.44
CA ALA A 282 -15.03 -21.26 2.36
C ALA A 282 -14.35 -21.44 1.01
N LEU A 283 -13.42 -20.55 0.67
CA LEU A 283 -12.72 -20.63 -0.60
C LEU A 283 -11.96 -21.94 -0.81
N LYS A 284 -11.34 -22.47 0.25
CA LYS A 284 -10.58 -23.70 0.13
C LYS A 284 -11.42 -24.91 -0.28
N GLU A 285 -12.72 -24.84 -0.05
CA GLU A 285 -13.60 -25.95 -0.39
C GLU A 285 -14.09 -25.92 -1.84
N ILE A 286 -14.09 -24.74 -2.45
CA ILE A 286 -14.57 -24.61 -3.82
C ILE A 286 -13.69 -25.32 -4.84
N PRO A 287 -14.31 -26.15 -5.69
CA PRO A 287 -13.68 -26.94 -6.76
C PRO A 287 -12.71 -26.17 -7.66
N CYS A 288 -13.12 -25.01 -8.17
CA CYS A 288 -12.26 -24.23 -9.05
C CYS A 288 -11.12 -23.54 -8.32
N VAL A 289 -11.14 -23.60 -7.00
CA VAL A 289 -10.07 -22.99 -6.20
C VAL A 289 -8.96 -24.00 -5.91
N GLU A 290 -7.78 -23.74 -6.44
CA GLU A 290 -6.64 -24.63 -6.25
C GLU A 290 -5.92 -24.45 -4.92
N GLN A 291 -5.61 -23.21 -4.56
CA GLN A 291 -4.91 -22.92 -3.33
C GLN A 291 -5.18 -21.50 -2.83
N VAL A 292 -5.38 -21.36 -1.52
CA VAL A 292 -5.62 -20.08 -0.90
C VAL A 292 -4.41 -19.78 -0.02
N PHE A 293 -3.85 -18.59 -0.16
CA PHE A 293 -2.67 -18.23 0.60
C PHE A 293 -2.99 -17.43 1.84
N ASP A 294 -2.29 -17.75 2.92
CA ASP A 294 -2.48 -17.08 4.21
C ASP A 294 -2.40 -15.58 4.05
N SER A 295 -3.22 -14.86 4.82
CA SER A 295 -3.26 -13.41 4.75
C SER A 295 -3.32 -12.71 6.10
N GLU A 296 -2.60 -11.59 6.20
CA GLU A 296 -2.58 -10.79 7.41
C GLU A 296 -3.12 -9.41 7.03
N THR A 297 -4.02 -9.38 6.04
CA THR A 297 -4.56 -8.11 5.57
C THR A 297 -6.06 -8.12 5.31
N ASN A 298 -6.51 -7.25 4.41
CA ASN A 298 -7.93 -7.17 4.08
C ASN A 298 -8.19 -7.65 2.66
N TYR A 299 -7.34 -8.56 2.20
CA TYR A 299 -7.47 -9.16 0.88
C TYR A 299 -6.89 -10.56 0.93
N ILE A 300 -7.33 -11.39 -0.01
CA ILE A 300 -6.88 -12.77 -0.06
C ILE A 300 -6.41 -13.12 -1.47
N LEU A 301 -5.24 -13.75 -1.57
CA LEU A 301 -4.74 -14.17 -2.87
C LEU A 301 -5.05 -15.64 -2.99
N ALA A 302 -5.51 -16.06 -4.15
CA ALA A 302 -5.84 -17.46 -4.39
C ALA A 302 -5.54 -17.84 -5.83
N ARG A 303 -5.07 -19.06 -6.03
CA ARG A 303 -4.78 -19.56 -7.36
C ARG A 303 -5.97 -20.40 -7.81
N PHE A 304 -6.50 -20.08 -8.99
CA PHE A 304 -7.64 -20.80 -9.52
C PHE A 304 -7.28 -21.64 -10.72
N LYS A 305 -8.26 -22.46 -11.12
CA LYS A 305 -8.13 -23.31 -12.29
C LYS A 305 -8.82 -22.45 -13.36
N ALA A 306 -8.08 -22.05 -14.39
CA ALA A 306 -8.65 -21.20 -15.44
C ALA A 306 -9.06 -19.87 -14.83
N SER A 307 -8.09 -19.17 -14.22
CA SER A 307 -8.32 -17.89 -13.57
C SER A 307 -8.84 -16.77 -14.46
N SER A 308 -8.34 -16.67 -15.68
CA SER A 308 -8.81 -15.62 -16.60
C SER A 308 -10.29 -15.81 -16.85
N ALA A 309 -10.70 -17.06 -17.02
CA ALA A 309 -12.09 -17.40 -17.28
C ALA A 309 -12.95 -17.07 -16.06
N VAL A 310 -12.45 -17.45 -14.89
CA VAL A 310 -13.17 -17.18 -13.65
C VAL A 310 -13.29 -15.68 -13.44
N PHE A 311 -12.17 -14.98 -13.59
CA PHE A 311 -12.14 -13.52 -13.42
C PHE A 311 -13.18 -12.84 -14.32
N LYS A 312 -13.21 -13.24 -15.59
CA LYS A 312 -14.15 -12.67 -16.55
C LYS A 312 -15.59 -12.99 -16.18
N SER A 313 -15.83 -14.24 -15.80
CA SER A 313 -17.17 -14.68 -15.41
C SER A 313 -17.75 -13.81 -14.30
N LEU A 314 -17.01 -13.66 -13.20
CA LEU A 314 -17.47 -12.86 -12.08
C LEU A 314 -17.56 -11.39 -12.44
N TRP A 315 -16.66 -10.93 -13.30
CA TRP A 315 -16.67 -9.54 -13.73
C TRP A 315 -17.99 -9.25 -14.44
N ASP A 316 -18.39 -10.15 -15.34
CA ASP A 316 -19.64 -9.97 -16.06
C ASP A 316 -20.85 -10.03 -15.13
N GLN A 317 -20.66 -10.58 -13.93
CA GLN A 317 -21.75 -10.70 -12.96
C GLN A 317 -21.77 -9.57 -11.92
N GLY A 318 -20.94 -8.56 -12.12
CA GLY A 318 -20.91 -7.44 -11.19
C GLY A 318 -19.98 -7.63 -10.00
N ILE A 319 -19.23 -8.72 -10.02
CA ILE A 319 -18.28 -9.04 -8.95
C ILE A 319 -16.89 -8.65 -9.44
N ILE A 320 -16.43 -7.48 -9.00
CA ILE A 320 -15.14 -6.96 -9.42
C ILE A 320 -13.97 -7.38 -8.53
N LEU A 321 -13.11 -8.23 -9.08
CA LEU A 321 -11.93 -8.68 -8.35
C LEU A 321 -10.71 -8.02 -8.96
N ARG A 322 -9.53 -8.47 -8.55
CA ARG A 322 -8.27 -7.91 -9.04
C ARG A 322 -7.39 -9.00 -9.60
N ASP A 323 -7.21 -8.99 -10.92
CA ASP A 323 -6.41 -10.00 -11.62
C ASP A 323 -4.92 -9.80 -11.38
N GLN A 324 -4.24 -10.88 -10.96
CA GLN A 324 -2.81 -10.85 -10.67
C GLN A 324 -2.05 -11.70 -11.68
N ASN A 325 -2.80 -12.35 -12.56
CA ASN A 325 -2.26 -13.24 -13.57
C ASN A 325 -0.93 -12.82 -14.25
N LYS A 326 -0.74 -11.52 -14.45
CA LYS A 326 0.48 -11.02 -15.08
C LYS A 326 1.63 -10.69 -14.15
N GLN A 327 1.43 -10.87 -12.85
CA GLN A 327 2.47 -10.60 -11.87
C GLN A 327 3.41 -11.80 -11.77
N PRO A 328 4.71 -11.55 -11.62
CA PRO A 328 5.68 -12.64 -11.52
C PRO A 328 5.39 -13.65 -10.42
N SER A 329 5.33 -14.92 -10.82
CA SER A 329 5.06 -16.06 -9.94
C SER A 329 3.59 -16.15 -9.54
N LEU A 330 2.78 -15.19 -9.95
CA LEU A 330 1.38 -15.21 -9.58
C LEU A 330 0.45 -15.64 -10.71
N SER A 331 0.95 -16.53 -11.55
CA SER A 331 0.17 -17.05 -12.66
C SER A 331 -1.04 -17.83 -12.11
N GLY A 332 -2.24 -17.48 -12.56
CA GLY A 332 -3.44 -18.17 -12.10
C GLY A 332 -4.01 -17.60 -10.81
N CYS A 333 -3.49 -16.47 -10.35
CA CYS A 333 -3.94 -15.87 -9.11
C CYS A 333 -4.81 -14.62 -9.23
N LEU A 334 -5.80 -14.52 -8.36
CA LEU A 334 -6.70 -13.38 -8.30
C LEU A 334 -6.72 -12.88 -6.85
N ARG A 335 -6.72 -11.57 -6.68
CA ARG A 335 -6.74 -10.98 -5.34
C ARG A 335 -8.17 -10.56 -5.00
N ILE A 336 -8.67 -11.08 -3.89
CA ILE A 336 -10.03 -10.79 -3.46
C ILE A 336 -10.06 -9.93 -2.21
N THR A 337 -10.59 -8.72 -2.33
CA THR A 337 -10.67 -7.83 -1.19
C THR A 337 -11.79 -8.31 -0.27
N VAL A 338 -11.56 -8.24 1.03
CA VAL A 338 -12.55 -8.66 2.01
C VAL A 338 -13.55 -7.54 2.24
N GLY A 339 -14.82 -7.83 1.97
CA GLY A 339 -15.88 -6.85 2.16
C GLY A 339 -16.84 -7.34 3.24
N THR A 340 -18.14 -7.27 2.97
CA THR A 340 -19.15 -7.69 3.94
C THR A 340 -19.47 -9.18 3.79
N ARG A 341 -20.21 -9.72 4.76
CA ARG A 341 -20.60 -11.12 4.71
C ARG A 341 -21.39 -11.40 3.44
N GLU A 342 -22.27 -10.47 3.09
CA GLU A 342 -23.09 -10.63 1.88
C GLU A 342 -22.23 -10.63 0.62
N GLU A 343 -21.21 -9.77 0.59
CA GLU A 343 -20.32 -9.70 -0.56
C GLU A 343 -19.48 -10.96 -0.68
N SER A 344 -19.02 -11.48 0.47
CA SER A 344 -18.22 -12.70 0.45
C SER A 344 -19.09 -13.85 -0.06
N GLN A 345 -20.35 -13.85 0.36
CA GLN A 345 -21.26 -14.91 -0.06
C GLN A 345 -21.48 -14.83 -1.57
N ARG A 346 -21.51 -13.62 -2.12
CA ARG A 346 -21.70 -13.44 -3.56
C ARG A 346 -20.53 -14.11 -4.30
N VAL A 347 -19.31 -13.91 -3.82
CA VAL A 347 -18.15 -14.50 -4.45
C VAL A 347 -18.18 -16.01 -4.34
N ILE A 348 -18.42 -16.50 -3.13
CA ILE A 348 -18.49 -17.94 -2.86
C ILE A 348 -19.48 -18.62 -3.82
N ASP A 349 -20.73 -18.18 -3.80
CA ASP A 349 -21.74 -18.76 -4.67
C ASP A 349 -21.31 -18.70 -6.14
N ALA A 350 -20.91 -17.51 -6.58
CA ALA A 350 -20.47 -17.32 -7.96
C ALA A 350 -19.37 -18.30 -8.36
N LEU A 351 -18.37 -18.47 -7.48
CA LEU A 351 -17.27 -19.38 -7.75
C LEU A 351 -17.74 -20.83 -7.83
N ARG A 352 -18.71 -21.18 -6.99
CA ARG A 352 -19.25 -22.53 -6.98
C ARG A 352 -20.03 -22.79 -8.28
N ALA A 353 -20.50 -21.72 -8.91
CA ALA A 353 -21.25 -21.83 -10.16
C ALA A 353 -20.31 -22.18 -11.32
N GLU A 354 -19.00 -22.16 -11.05
CA GLU A 354 -17.99 -22.50 -12.06
C GLU A 354 -17.64 -23.98 -11.86
N GLN A 355 -16.44 -24.25 -11.38
CA GLN A 355 -15.95 -25.61 -11.08
C GLN A 355 -15.75 -26.60 -12.24
N VAL A 356 -16.00 -26.17 -13.47
CA VAL A 356 -15.85 -27.03 -14.64
C VAL A 356 -14.64 -27.97 -14.59
N1 PLP B . 1.06 0.85 -0.39
C2 PLP B . 0.29 -0.31 -0.68
C2A PLP B . 0.95 -1.65 -0.51
C3 PLP B . -1.08 -0.20 -1.12
O3 PLP B . -1.80 -1.32 -1.38
C4 PLP B . -1.65 1.13 -1.25
C4A PLP B . -3.14 1.33 -1.72
C5 PLP B . -0.73 2.37 -0.92
C6 PLP B . 0.60 2.16 -0.50
C5A PLP B . -1.21 3.83 -1.05
O4P PLP B . -2.08 4.05 -0.22
P PLP B . -2.66 5.65 -0.29
O1P PLP B . -1.79 6.58 -1.44
O2P PLP B . -2.49 6.35 1.23
O3P PLP B . -4.30 5.63 -0.73
CB HSA C . -4.83 1.63 -4.81
CG HSA C . -3.87 2.70 -5.28
CD2 HSA C . -3.60 3.89 -4.70
ND1 HSA C . -3.11 2.62 -6.42
CE1 HSA C . -2.39 3.72 -6.53
NE2 HSA C . -2.66 4.51 -5.49
C HSA C . -5.12 -0.51 -3.73
OP4 HSA C . -4.11 -1.51 -3.87
P HSA C . -3.61 -2.09 -5.39
OP1 HSA C . -4.97 -2.54 -6.25
OP2 HSA C . -2.56 -3.39 -5.16
OP3 HSA C . -2.80 -0.87 -6.21
N HSA C . -3.37 1.14 -3.04
CA HSA C . -4.72 1.09 -3.54
#